data_3CKL
#
_entry.id   3CKL
#
_cell.length_a   78.819
_cell.length_b   47.613
_cell.length_c   92.666
_cell.angle_alpha   90.00
_cell.angle_beta   93.95
_cell.angle_gamma   90.00
#
_symmetry.space_group_name_H-M   'P 1 21 1'
#
loop_
_entity.id
_entity.type
_entity.pdbx_description
1 polymer 'Sulfotransferase family cytosolic 1B member 1'
2 non-polymer RESVERATROL
3 non-polymer "ADENOSINE-3'-5'-DIPHOSPHATE"
4 water water
#
_entity_poly.entity_id   1
_entity_poly.type   'polypeptide(L)'
_entity_poly.pdbx_seq_one_letter_code
;GSMLSPKDILRKDLKLVHGYPMTCAFASNWEKIEQFHSRPDDIVIATYPKSGTTWVSEIIDMILNDGDIEKCKRGFITEK
VPMLEMTLPGLRTSGIEQLEKNPSPRIVKTHLPTDLLPKSFWENNCKMIYLARNAKDVSVSYYHFDLMNNLQPFPGTWEE
YLEKFLTGKVAYGSWFTHVKNWWKKKEEHPILFLYYEDMKENPKEEIKKIIRFLEKNLNDEILDRIIHHTSFEVMKDNPL
VNYTHLPTTVMDHSKSPFMRKGTAGDWKNYFTVAQNEKFDAIYETEMSKTALQFRTEI
;
_entity_poly.pdbx_strand_id   A,B
#
# COMPACT_ATOMS: atom_id res chain seq x y z
N ASP A 8 5.81 9.08 15.25
CA ASP A 8 6.67 7.98 15.78
C ASP A 8 7.97 7.84 14.99
N ILE A 9 7.90 7.21 13.80
CA ILE A 9 9.06 7.13 12.91
C ILE A 9 8.96 8.13 11.75
N LEU A 10 7.74 8.54 11.41
CA LEU A 10 7.55 9.38 10.23
C LEU A 10 8.13 10.78 10.42
N ARG A 11 8.76 11.28 9.35
CA ARG A 11 9.25 12.66 9.27
C ARG A 11 10.18 13.05 10.43
N LYS A 12 10.88 12.05 10.96
CA LYS A 12 11.83 12.24 12.03
C LYS A 12 13.21 12.56 11.47
N ASP A 13 13.97 13.28 12.27
CA ASP A 13 15.36 13.61 12.02
C ASP A 13 16.23 12.37 11.86
N LEU A 14 17.29 12.48 11.06
CA LEU A 14 18.25 11.39 10.83
C LEU A 14 18.99 11.07 12.14
N LYS A 15 19.40 9.81 12.29
CA LYS A 15 20.16 9.40 13.48
C LYS A 15 21.51 8.93 12.97
N LEU A 16 22.56 9.10 13.78
CA LEU A 16 23.89 8.57 13.42
C LEU A 16 24.00 7.06 13.68
N VAL A 17 24.65 6.37 12.74
CA VAL A 17 24.94 4.95 12.90
C VAL A 17 26.36 4.84 12.48
N HIS A 18 27.24 4.54 13.45
CA HIS A 18 28.68 4.45 13.22
C HIS A 18 29.17 5.60 12.35
N GLY A 19 28.74 6.81 12.69
CA GLY A 19 29.20 8.04 12.06
C GLY A 19 28.41 8.51 10.84
N TYR A 20 27.48 7.67 10.35
CA TYR A 20 26.73 8.00 9.14
C TYR A 20 25.31 8.38 9.51
N PRO A 21 24.82 9.48 8.93
CA PRO A 21 23.42 9.80 9.11
C PRO A 21 22.57 8.71 8.48
N MET A 22 21.46 8.40 9.14
CA MET A 22 20.60 7.32 8.71
C MET A 22 19.15 7.66 8.93
N THR A 23 18.30 7.27 7.97
CA THR A 23 16.85 7.27 8.13
C THR A 23 16.49 6.78 9.53
N CYS A 24 15.71 7.59 10.23
CA CYS A 24 15.36 7.35 11.63
C CYS A 24 14.88 5.92 11.86
N ALA A 25 13.86 5.49 11.09
CA ALA A 25 13.31 4.13 11.21
C ALA A 25 14.35 3.02 11.10
N PHE A 26 15.38 3.21 10.28
CA PHE A 26 16.34 2.13 10.02
C PHE A 26 17.46 2.09 11.04
N ALA A 27 17.63 3.16 11.79
CA ALA A 27 18.77 3.30 12.71
C ALA A 27 18.65 2.50 14.03
N SER A 28 17.53 1.85 14.29
CA SER A 28 17.41 1.12 15.56
C SER A 28 17.76 -0.37 15.48
N ASN A 29 18.21 -0.94 16.60
CA ASN A 29 18.59 -2.35 16.63
C ASN A 29 19.59 -2.67 15.52
N TRP A 30 20.63 -1.85 15.37
CA TRP A 30 21.51 -1.94 14.22
C TRP A 30 22.34 -3.26 14.28
N GLU A 31 22.52 -3.80 15.49
CA GLU A 31 23.23 -5.07 15.67
C GLU A 31 22.67 -6.20 14.86
N LYS A 32 21.36 -6.15 14.55
CA LYS A 32 20.70 -7.16 13.73
C LYS A 32 21.31 -7.15 12.33
N ILE A 33 21.51 -5.96 11.78
CA ILE A 33 22.18 -5.80 10.48
C ILE A 33 23.63 -6.27 10.54
N GLU A 34 24.38 -5.82 11.55
CA GLU A 34 25.79 -6.22 11.67
C GLU A 34 26.00 -7.73 11.70
N GLN A 35 25.07 -8.44 12.32
CA GLN A 35 25.20 -9.90 12.47
C GLN A 35 24.53 -10.67 11.36
N PHE A 36 23.95 -9.99 10.36
CA PHE A 36 23.29 -10.72 9.25
C PHE A 36 24.14 -11.85 8.66
N HIS A 37 23.50 -12.99 8.42
CA HIS A 37 24.21 -14.12 7.84
C HIS A 37 23.93 -14.19 6.37
N SER A 38 24.95 -13.87 5.59
CA SER A 38 24.87 -14.03 4.17
C SER A 38 25.06 -15.52 3.80
N ARG A 39 24.88 -15.84 2.51
CA ARG A 39 25.20 -17.15 1.93
C ARG A 39 26.16 -16.86 0.77
N PRO A 40 27.11 -17.78 0.48
CA PRO A 40 28.06 -17.57 -0.59
C PRO A 40 27.49 -17.16 -1.96
N ASP A 41 26.33 -17.71 -2.34
CA ASP A 41 25.73 -17.34 -3.63
C ASP A 41 24.77 -16.13 -3.62
N ASP A 42 24.70 -15.41 -2.47
CA ASP A 42 23.99 -14.14 -2.39
C ASP A 42 24.60 -13.17 -3.38
N ILE A 43 23.75 -12.42 -4.08
CA ILE A 43 24.23 -11.37 -4.96
C ILE A 43 23.81 -9.99 -4.39
N VAL A 44 24.82 -9.20 -4.01
CA VAL A 44 24.57 -7.87 -3.48
C VAL A 44 24.44 -6.83 -4.60
N ILE A 45 23.38 -6.02 -4.56
CA ILE A 45 23.26 -4.83 -5.43
C ILE A 45 23.44 -3.67 -4.47
N ALA A 46 24.55 -2.94 -4.62
CA ALA A 46 24.83 -1.83 -3.73
C ALA A 46 24.89 -0.54 -4.50
N THR A 47 24.26 0.50 -3.94
CA THR A 47 24.26 1.81 -4.60
C THR A 47 24.12 2.89 -3.52
N TYR A 48 24.65 4.07 -3.82
CA TYR A 48 24.22 5.26 -3.10
C TYR A 48 22.70 5.46 -3.41
N PRO A 49 21.90 5.97 -2.45
CA PRO A 49 20.49 6.20 -2.81
C PRO A 49 20.25 6.86 -4.17
N LYS A 50 19.23 6.34 -4.84
CA LYS A 50 18.65 6.91 -6.07
C LYS A 50 19.58 6.77 -7.26
N SER A 51 20.37 5.69 -7.27
CA SER A 51 21.34 5.46 -8.32
C SER A 51 20.93 4.37 -9.32
N GLY A 52 19.77 3.75 -9.08
CA GLY A 52 19.18 2.79 -10.03
C GLY A 52 19.07 1.39 -9.47
N THR A 53 18.95 1.31 -8.15
CA THR A 53 18.87 0.05 -7.45
C THR A 53 17.69 -0.82 -7.94
N THR A 54 16.50 -0.22 -7.99
CA THR A 54 15.28 -0.93 -8.40
C THR A 54 15.40 -1.40 -9.86
N TRP A 55 15.92 -0.52 -10.71
CA TRP A 55 16.22 -0.83 -12.09
C TRP A 55 17.08 -2.08 -12.23
N VAL A 56 18.24 -2.09 -11.57
CA VAL A 56 19.17 -3.20 -11.73
C VAL A 56 18.71 -4.44 -10.95
N SER A 57 17.92 -4.24 -9.88
CA SER A 57 17.30 -5.36 -9.17
C SER A 57 16.48 -6.19 -10.13
N GLU A 58 15.68 -5.53 -10.98
CA GLU A 58 14.73 -6.23 -11.86
C GLU A 58 15.47 -6.91 -13.03
N ILE A 59 16.52 -6.21 -13.52
CA ILE A 59 17.45 -6.80 -14.47
C ILE A 59 18.04 -8.13 -13.98
N ILE A 60 18.56 -8.12 -12.75
CA ILE A 60 19.23 -9.32 -12.21
C ILE A 60 18.23 -10.42 -11.97
N ASP A 61 17.04 -10.05 -11.54
CA ASP A 61 15.99 -11.05 -11.28
C ASP A 61 15.66 -11.73 -12.61
N MET A 62 15.61 -10.95 -13.69
CA MET A 62 15.27 -11.50 -15.01
C MET A 62 16.37 -12.45 -15.41
N ILE A 63 17.61 -12.04 -15.16
CA ILE A 63 18.80 -12.82 -15.51
C ILE A 63 18.76 -14.17 -14.80
N LEU A 64 18.73 -14.14 -13.47
CA LEU A 64 18.63 -15.36 -12.67
C LEU A 64 17.41 -16.26 -13.00
N ASN A 65 16.35 -15.70 -13.57
CA ASN A 65 15.18 -16.49 -13.98
C ASN A 65 15.14 -16.67 -15.49
N ASP A 66 16.32 -16.60 -16.12
CA ASP A 66 16.51 -16.87 -17.54
C ASP A 66 15.54 -16.11 -18.44
N GLY A 67 15.22 -14.89 -18.04
CA GLY A 67 14.32 -14.04 -18.80
C GLY A 67 12.85 -14.42 -18.74
N ASP A 68 12.48 -15.29 -17.80
CA ASP A 68 11.07 -15.73 -17.66
C ASP A 68 10.26 -14.65 -16.95
N ILE A 69 9.37 -13.98 -17.68
CA ILE A 69 8.62 -12.83 -17.13
C ILE A 69 7.64 -13.28 -16.05
N GLU A 70 7.00 -14.44 -16.26
CA GLU A 70 6.03 -14.95 -15.32
C GLU A 70 6.69 -15.20 -13.96
N LYS A 71 7.92 -15.74 -13.98
CA LYS A 71 8.73 -15.89 -12.77
C LYS A 71 8.96 -14.56 -12.07
N CYS A 72 9.28 -13.55 -12.86
CA CYS A 72 9.59 -12.22 -12.33
C CYS A 72 8.37 -11.53 -11.73
N LYS A 73 7.20 -12.06 -12.05
CA LYS A 73 5.94 -11.63 -11.51
C LYS A 73 5.46 -12.34 -10.22
N ARG A 74 6.34 -13.16 -9.62
CA ARG A 74 5.98 -13.98 -8.47
C ARG A 74 5.71 -13.20 -7.19
N GLY A 75 6.15 -11.95 -7.15
CA GLY A 75 6.03 -11.13 -5.95
C GLY A 75 6.39 -9.69 -6.25
N PHE A 76 5.99 -8.78 -5.35
CA PHE A 76 6.42 -7.37 -5.40
C PHE A 76 7.91 -7.24 -5.14
N ILE A 77 8.55 -6.16 -5.64
CA ILE A 77 10.01 -6.00 -5.59
C ILE A 77 10.62 -6.11 -4.17
N THR A 78 9.84 -5.69 -3.16
CA THR A 78 10.30 -5.71 -1.78
C THR A 78 10.41 -7.14 -1.21
N GLU A 79 9.63 -8.07 -1.78
CA GLU A 79 9.81 -9.49 -1.45
C GLU A 79 10.91 -10.18 -2.32
N LYS A 80 10.98 -9.86 -3.60
CA LYS A 80 11.93 -10.52 -4.49
C LYS A 80 13.35 -10.09 -4.20
N VAL A 81 13.52 -8.78 -4.01
CA VAL A 81 14.85 -8.20 -3.75
C VAL A 81 14.73 -7.24 -2.56
N PRO A 82 14.73 -7.79 -1.33
CA PRO A 82 14.59 -6.97 -0.13
C PRO A 82 15.75 -6.02 0.07
N MET A 83 15.47 -4.89 0.73
CA MET A 83 16.53 -4.01 1.18
C MET A 83 17.05 -4.45 2.54
N LEU A 84 18.34 -4.79 2.58
CA LEU A 84 18.99 -5.35 3.77
C LEU A 84 18.68 -4.57 5.05
N GLU A 85 18.84 -3.24 4.99
CA GLU A 85 18.77 -2.42 6.20
C GLU A 85 17.36 -1.92 6.58
N MET A 86 16.37 -2.24 5.76
CA MET A 86 15.00 -1.78 5.97
C MET A 86 14.36 -2.44 7.18
N THR A 87 13.76 -1.61 8.04
N THR A 87 13.77 -1.61 8.04
CA THR A 87 12.91 -2.04 9.15
CA THR A 87 12.92 -2.04 9.16
C THR A 87 11.81 -1.02 9.29
C THR A 87 11.81 -1.03 9.27
N LEU A 88 10.61 -1.49 9.62
CA LEU A 88 9.48 -0.61 9.93
C LEU A 88 8.71 -1.13 11.16
N GLY A 90 5.86 -2.60 13.31
CA GLY A 90 5.00 -3.17 12.27
C GLY A 90 5.31 -2.66 10.87
N ARG A 92 5.17 -3.63 7.45
CA ARG A 92 6.07 -4.33 6.54
C ARG A 92 7.04 -5.21 7.34
N THR A 93 7.23 -6.46 6.91
CA THR A 93 8.29 -7.36 7.43
C THR A 93 9.62 -6.67 7.15
N SER A 94 10.61 -6.80 8.04
CA SER A 94 11.92 -6.16 7.79
C SER A 94 12.62 -6.83 6.59
N GLY A 95 13.62 -6.14 6.04
CA GLY A 95 14.40 -6.66 4.91
C GLY A 95 15.07 -7.96 5.28
N ILE A 96 15.61 -8.02 6.50
CA ILE A 96 16.31 -9.21 6.97
C ILE A 96 15.35 -10.38 7.14
N GLU A 97 14.18 -10.13 7.70
CA GLU A 97 13.19 -11.21 7.85
C GLU A 97 12.77 -11.77 6.50
N GLN A 98 12.60 -10.90 5.50
CA GLN A 98 12.25 -11.34 4.17
C GLN A 98 13.41 -12.11 3.52
N LEU A 99 14.63 -11.59 3.66
CA LEU A 99 15.79 -12.31 3.14
C LEU A 99 15.91 -13.74 3.73
N GLU A 100 15.63 -13.89 5.02
CA GLU A 100 15.66 -15.20 5.65
C GLU A 100 14.64 -16.18 5.04
N LYS A 101 13.61 -15.65 4.37
CA LYS A 101 12.55 -16.45 3.75
C LYS A 101 12.81 -16.77 2.28
N ASN A 102 13.82 -16.15 1.70
CA ASN A 102 14.08 -16.24 0.26
C ASN A 102 14.97 -17.41 -0.12
N PRO A 103 14.68 -18.07 -1.25
CA PRO A 103 15.56 -19.12 -1.75
C PRO A 103 16.85 -18.53 -2.37
N SER A 104 17.91 -19.33 -2.32
CA SER A 104 19.17 -19.04 -3.01
C SER A 104 19.09 -19.35 -4.52
N PRO A 105 19.78 -18.55 -5.37
CA PRO A 105 20.64 -17.41 -5.00
C PRO A 105 19.77 -16.22 -4.63
N ARG A 106 20.05 -15.60 -3.49
CA ARG A 106 19.26 -14.44 -3.06
C ARG A 106 19.84 -13.19 -3.66
N ILE A 107 18.99 -12.24 -4.06
CA ILE A 107 19.47 -10.92 -4.45
C ILE A 107 19.24 -10.02 -3.24
N VAL A 108 20.25 -9.25 -2.84
CA VAL A 108 20.16 -8.34 -1.68
C VAL A 108 20.48 -6.94 -2.15
N LYS A 109 19.55 -6.03 -1.89
CA LYS A 109 19.76 -4.63 -2.17
C LYS A 109 20.25 -3.93 -0.90
N THR A 110 21.15 -2.97 -1.07
CA THR A 110 21.59 -2.14 0.06
C THR A 110 22.12 -0.82 -0.42
N HIS A 111 22.02 0.21 0.44
CA HIS A 111 22.65 1.52 0.19
C HIS A 111 23.86 1.79 1.10
N LEU A 112 24.22 0.79 1.88
CA LEU A 112 25.19 0.95 2.94
C LEU A 112 26.62 1.31 2.44
N PRO A 113 27.31 2.22 3.16
CA PRO A 113 28.73 2.46 2.87
C PRO A 113 29.48 1.14 3.05
N THR A 114 30.63 0.97 2.38
CA THR A 114 31.35 -0.33 2.47
C THR A 114 31.69 -0.68 3.91
N ASP A 115 31.95 0.35 4.72
CA ASP A 115 32.32 0.14 6.12
C ASP A 115 31.15 -0.34 7.01
N LEU A 116 29.91 -0.15 6.54
CA LEU A 116 28.71 -0.61 7.29
C LEU A 116 28.09 -1.91 6.78
N LEU A 117 28.57 -2.40 5.64
CA LEU A 117 28.09 -3.66 5.12
C LEU A 117 28.47 -4.78 6.12
N PRO A 118 27.51 -5.68 6.43
CA PRO A 118 27.79 -6.84 7.29
C PRO A 118 29.03 -7.59 6.80
N LYS A 119 29.90 -7.91 7.75
CA LYS A 119 31.18 -8.49 7.42
C LYS A 119 31.07 -9.88 6.78
N SER A 120 29.98 -10.59 7.09
N SER A 120 29.97 -10.59 7.06
CA SER A 120 29.71 -11.88 6.49
CA SER A 120 29.73 -11.91 6.48
C SER A 120 29.84 -11.83 4.97
C SER A 120 29.65 -11.90 4.95
N PHE A 121 29.33 -10.77 4.34
CA PHE A 121 29.35 -10.66 2.87
C PHE A 121 30.76 -10.75 2.31
N TRP A 122 31.72 -10.14 3.00
CA TRP A 122 33.12 -10.21 2.58
C TRP A 122 33.64 -11.62 2.89
N GLU A 123 33.33 -12.14 4.07
CA GLU A 123 33.81 -13.46 4.49
C GLU A 123 33.31 -14.59 3.58
N ASN A 124 32.08 -14.45 3.09
CA ASN A 124 31.52 -15.44 2.18
C ASN A 124 31.92 -15.23 0.72
N ASN A 125 32.70 -14.19 0.44
CA ASN A 125 33.12 -13.86 -0.95
C ASN A 125 31.93 -13.59 -1.89
N CYS A 126 30.82 -13.08 -1.38
CA CYS A 126 29.66 -12.83 -2.25
C CYS A 126 30.01 -11.87 -3.39
N LYS A 127 29.43 -12.15 -4.55
CA LYS A 127 29.53 -11.26 -5.71
C LYS A 127 28.69 -10.03 -5.44
N MET A 128 29.18 -8.89 -5.95
CA MET A 128 28.48 -7.64 -5.74
C MET A 128 28.49 -6.80 -6.99
N ILE A 129 27.39 -6.11 -7.21
CA ILE A 129 27.27 -5.14 -8.29
C ILE A 129 27.07 -3.79 -7.63
N TYR A 130 28.07 -2.94 -7.77
CA TYR A 130 27.97 -1.59 -7.31
C TYR A 130 27.61 -0.69 -8.50
N LEU A 131 26.42 -0.09 -8.42
CA LEU A 131 25.97 0.86 -9.46
C LEU A 131 26.10 2.31 -8.99
N ALA A 132 26.68 3.15 -9.82
CA ALA A 132 26.87 4.55 -9.44
C ALA A 132 26.23 5.43 -10.49
N ARG A 133 25.80 6.62 -10.08
CA ARG A 133 25.07 7.54 -10.94
C ARG A 133 25.65 8.95 -10.70
N ASN A 134 25.61 9.82 -11.70
CA ASN A 134 26.28 11.11 -11.52
C ASN A 134 25.62 11.88 -10.37
N ALA A 135 26.45 12.59 -9.60
CA ALA A 135 25.99 13.22 -8.35
C ALA A 135 24.93 14.31 -8.52
N LYS A 136 24.86 14.92 -9.70
CA LYS A 136 23.85 15.95 -9.96
C LYS A 136 22.44 15.36 -10.11
N ASP A 137 22.30 14.38 -10.98
CA ASP A 137 21.01 13.65 -11.07
C ASP A 137 20.62 12.94 -9.76
N VAL A 138 21.59 12.36 -9.06
CA VAL A 138 21.35 11.78 -7.74
C VAL A 138 20.78 12.82 -6.76
N SER A 139 21.41 14.00 -6.63
CA SER A 139 20.88 15.07 -5.75
C SER A 139 19.42 15.36 -6.05
N VAL A 140 19.08 15.48 -7.33
CA VAL A 140 17.69 15.85 -7.74
C VAL A 140 16.72 14.69 -7.50
N SER A 141 17.16 13.49 -7.81
CA SER A 141 16.34 12.30 -7.55
C SER A 141 16.05 12.14 -6.06
N TYR A 142 17.06 12.38 -5.24
CA TYR A 142 17.00 12.18 -3.79
C TYR A 142 16.15 13.26 -3.12
N TYR A 143 16.36 14.53 -3.50
CA TYR A 143 15.44 15.61 -3.12
C TYR A 143 13.97 15.22 -3.34
N HIS A 144 13.61 14.82 -4.56
CA HIS A 144 12.20 14.50 -4.88
C HIS A 144 11.73 13.26 -4.09
N PHE A 145 12.65 12.35 -3.83
CA PHE A 145 12.35 11.14 -3.08
C PHE A 145 11.93 11.48 -1.67
N ASP A 146 12.65 12.40 -1.04
CA ASP A 146 12.32 12.87 0.30
C ASP A 146 10.96 13.58 0.42
N LEU A 147 10.47 14.18 -0.69
CA LEU A 147 9.12 14.79 -0.75
C LEU A 147 8.04 13.72 -0.59
N MET A 148 8.32 12.54 -1.15
CA MET A 148 7.31 11.49 -1.19
C MET A 148 7.46 10.42 -0.09
N ASN A 149 8.70 10.23 0.41
CA ASN A 149 9.02 9.16 1.33
C ASN A 149 8.99 9.73 2.72
N ASN A 150 7.92 9.39 3.42
CA ASN A 150 7.58 10.00 4.72
C ASN A 150 8.43 9.49 5.88
N LEU A 151 9.29 8.52 5.61
CA LEU A 151 10.27 8.09 6.58
C LEU A 151 11.43 9.06 6.66
N GLN A 152 11.55 9.96 5.67
CA GLN A 152 12.69 10.85 5.58
C GLN A 152 12.42 12.18 6.24
N PRO A 153 13.48 12.91 6.62
CA PRO A 153 13.19 14.30 7.03
C PRO A 153 12.60 15.08 5.85
N PHE A 154 11.75 16.05 6.16
CA PHE A 154 11.27 17.03 5.17
C PHE A 154 12.53 17.68 4.59
N PRO A 155 12.68 17.66 3.26
CA PRO A 155 13.93 18.15 2.66
C PRO A 155 14.09 19.68 2.67
N GLY A 156 12.98 20.40 2.80
CA GLY A 156 12.99 21.86 2.67
C GLY A 156 12.90 22.27 1.20
N THR A 157 13.41 23.45 0.90
CA THR A 157 13.39 23.92 -0.49
C THR A 157 14.55 23.23 -1.19
N TRP A 158 14.53 23.24 -2.51
CA TRP A 158 15.60 22.64 -3.30
C TRP A 158 16.95 23.25 -2.94
N GLU A 159 17.01 24.58 -2.77
CA GLU A 159 18.29 25.22 -2.44
C GLU A 159 18.86 24.79 -1.08
N GLU A 160 18.01 24.63 -0.06
CA GLU A 160 18.48 24.18 1.24
C GLU A 160 18.94 22.71 1.13
N TYR A 161 18.16 21.89 0.42
CA TYR A 161 18.49 20.48 0.26
C TYR A 161 19.85 20.28 -0.43
N LEU A 162 20.07 20.93 -1.59
CA LEU A 162 21.37 20.81 -2.28
C LEU A 162 22.56 21.06 -1.34
N GLU A 163 22.47 22.07 -0.49
CA GLU A 163 23.57 22.33 0.46
C GLU A 163 23.80 21.14 1.42
N LYS A 164 22.71 20.53 1.89
CA LYS A 164 22.81 19.36 2.74
C LYS A 164 23.38 18.18 1.98
N PHE A 165 22.95 18.00 0.75
CA PHE A 165 23.49 16.93 -0.08
C PHE A 165 25.01 17.10 -0.25
N LEU A 166 25.44 18.34 -0.54
CA LEU A 166 26.86 18.61 -0.77
C LEU A 166 27.79 18.43 0.44
N THR A 167 27.26 18.61 1.64
CA THR A 167 28.00 18.38 2.88
C THR A 167 27.85 16.97 3.44
N GLY A 168 27.06 16.13 2.78
CA GLY A 168 26.83 14.77 3.26
C GLY A 168 25.89 14.62 4.43
N LYS A 169 25.02 15.60 4.66
CA LYS A 169 24.07 15.61 5.79
C LYS A 169 22.72 15.10 5.32
N VAL A 170 22.74 13.92 4.69
CA VAL A 170 21.55 13.23 4.20
C VAL A 170 21.72 11.74 4.60
N ALA A 171 20.67 10.94 4.58
CA ALA A 171 20.79 9.50 4.87
C ALA A 171 21.85 8.80 4.03
N TYR A 172 22.72 8.03 4.70
CA TYR A 172 23.84 7.25 4.09
C TYR A 172 25.06 8.10 3.82
N GLY A 173 24.97 9.38 4.15
CA GLY A 173 26.12 10.26 4.15
C GLY A 173 26.49 10.81 2.79
N SER A 174 27.78 11.16 2.65
CA SER A 174 28.28 11.78 1.43
C SER A 174 28.30 10.85 0.26
N TRP A 175 27.69 11.30 -0.85
CA TRP A 175 27.84 10.62 -2.16
C TRP A 175 29.32 10.41 -2.54
N PHE A 176 30.13 11.46 -2.29
CA PHE A 176 31.57 11.42 -2.61
C PHE A 176 32.30 10.24 -1.95
N THR A 177 32.16 10.17 -0.64
CA THR A 177 32.78 9.14 0.19
C THR A 177 32.24 7.74 -0.18
N HIS A 178 30.92 7.64 -0.42
CA HIS A 178 30.25 6.35 -0.73
C HIS A 178 30.90 5.79 -1.99
N VAL A 179 30.88 6.60 -3.06
CA VAL A 179 31.40 6.21 -4.36
C VAL A 179 32.89 5.89 -4.28
N LYS A 180 33.70 6.79 -3.69
CA LYS A 180 35.15 6.57 -3.60
C LYS A 180 35.53 5.33 -2.76
N ASN A 181 34.86 5.11 -1.62
CA ASN A 181 35.15 3.92 -0.80
C ASN A 181 34.79 2.61 -1.42
N TRP A 182 33.62 2.56 -2.07
CA TRP A 182 33.28 1.39 -2.85
C TRP A 182 34.29 1.13 -3.98
N TRP A 183 34.70 2.18 -4.69
CA TRP A 183 35.71 2.06 -5.75
C TRP A 183 37.03 1.44 -5.27
N LYS A 184 37.51 1.83 -4.09
CA LYS A 184 38.69 1.22 -3.45
C LYS A 184 38.58 -0.31 -3.20
N LYS A 185 37.36 -0.81 -3.09
CA LYS A 185 37.11 -2.22 -2.76
C LYS A 185 37.14 -3.13 -3.99
N LYS A 186 37.14 -2.52 -5.17
CA LYS A 186 37.21 -3.19 -6.50
C LYS A 186 38.37 -4.19 -6.67
N GLU A 187 39.59 -3.78 -6.35
CA GLU A 187 40.77 -4.63 -6.56
C GLU A 187 40.79 -5.87 -5.67
N GLU A 188 40.17 -5.76 -4.52
CA GLU A 188 40.29 -6.75 -3.47
C GLU A 188 39.11 -7.76 -3.37
N HIS A 189 38.02 -7.51 -4.10
CA HIS A 189 36.78 -8.31 -3.93
C HIS A 189 36.04 -8.49 -5.28
N PRO A 190 35.18 -9.55 -5.39
CA PRO A 190 34.47 -9.70 -6.68
C PRO A 190 33.30 -8.71 -6.82
N ILE A 191 33.62 -7.54 -7.36
CA ILE A 191 32.63 -6.45 -7.48
C ILE A 191 32.56 -5.96 -8.92
N LEU A 192 31.37 -5.94 -9.49
CA LEU A 192 31.17 -5.32 -10.81
C LEU A 192 30.76 -3.86 -10.62
N PHE A 193 31.52 -2.96 -11.23
CA PHE A 193 31.23 -1.54 -11.15
C PHE A 193 30.57 -1.05 -12.39
N LEU A 194 29.38 -0.48 -12.21
CA LEU A 194 28.54 -0.11 -13.33
C LEU A 194 28.08 1.33 -13.14
N TYR A 195 27.68 1.98 -14.22
CA TYR A 195 27.21 3.36 -14.14
C TYR A 195 25.85 3.48 -14.77
N TYR A 196 24.95 4.18 -14.05
CA TYR A 196 23.60 4.39 -14.48
C TYR A 196 23.55 4.96 -15.91
N GLU A 197 24.43 5.92 -16.21
CA GLU A 197 24.48 6.58 -17.53
C GLU A 197 24.81 5.57 -18.66
N ASP A 198 25.73 4.66 -18.39
CA ASP A 198 26.05 3.60 -19.40
C ASP A 198 24.86 2.66 -19.66
N MET A 199 24.16 2.27 -18.58
CA MET A 199 22.94 1.48 -18.68
C MET A 199 21.83 2.22 -19.45
N LYS A 200 21.67 3.53 -19.23
CA LYS A 200 20.68 4.27 -19.99
C LYS A 200 21.06 4.33 -21.50
N GLU A 201 22.34 4.53 -21.76
CA GLU A 201 22.82 4.70 -23.13
C GLU A 201 22.88 3.40 -23.93
N ASN A 202 23.41 2.34 -23.32
CA ASN A 202 23.44 1.04 -23.97
C ASN A 202 23.07 -0.10 -23.03
N PRO A 203 21.77 -0.32 -22.78
CA PRO A 203 21.38 -1.37 -21.86
C PRO A 203 21.83 -2.75 -22.32
N LYS A 204 21.84 -3.00 -23.62
CA LYS A 204 22.26 -4.31 -24.12
C LYS A 204 23.66 -4.67 -23.65
N GLU A 205 24.62 -3.77 -23.85
CA GLU A 205 26.00 -4.05 -23.46
C GLU A 205 26.21 -4.11 -21.95
N GLU A 206 25.55 -3.21 -21.24
CA GLU A 206 25.62 -3.25 -19.76
C GLU A 206 25.03 -4.52 -19.15
N ILE A 207 23.86 -4.91 -19.62
CA ILE A 207 23.18 -6.16 -19.21
C ILE A 207 24.08 -7.38 -19.54
N LYS A 208 24.70 -7.37 -20.73
CA LYS A 208 25.68 -8.40 -21.10
C LYS A 208 26.82 -8.49 -20.10
N LYS A 209 27.33 -7.35 -19.64
CA LYS A 209 28.37 -7.32 -18.59
C LYS A 209 27.89 -8.03 -17.31
N ILE A 210 26.64 -7.80 -16.94
CA ILE A 210 26.06 -8.45 -15.74
C ILE A 210 25.93 -9.95 -15.96
N ILE A 211 25.49 -10.36 -17.14
CA ILE A 211 25.29 -11.79 -17.44
C ILE A 211 26.62 -12.55 -17.34
N ARG A 212 27.69 -12.01 -17.91
CA ARG A 212 29.00 -12.64 -17.80
C ARG A 212 29.52 -12.67 -16.36
N PHE A 213 29.37 -11.55 -15.65
CA PHE A 213 29.75 -11.51 -14.22
C PHE A 213 29.04 -12.60 -13.39
N LEU A 214 27.78 -12.85 -13.68
CA LEU A 214 27.04 -13.90 -12.97
C LEU A 214 27.24 -15.29 -13.59
N GLU A 215 28.06 -15.37 -14.64
CA GLU A 215 28.43 -16.65 -15.30
C GLU A 215 27.20 -17.36 -15.84
N LYS A 216 26.43 -16.58 -16.59
CA LYS A 216 25.20 -17.05 -17.18
C LYS A 216 25.32 -16.95 -18.70
N ASN A 217 24.40 -17.61 -19.38
CA ASN A 217 24.45 -17.70 -20.82
C ASN A 217 23.04 -17.53 -21.34
N LEU A 218 22.75 -16.36 -21.90
CA LEU A 218 21.40 -16.06 -22.39
C LEU A 218 21.38 -15.56 -23.85
N ASN A 219 20.49 -16.12 -24.65
CA ASN A 219 20.47 -15.80 -26.06
C ASN A 219 19.95 -14.38 -26.32
N ASP A 220 20.02 -13.95 -27.58
CA ASP A 220 19.68 -12.58 -27.92
C ASP A 220 18.18 -12.27 -27.88
N GLU A 221 17.33 -13.30 -28.04
CA GLU A 221 15.86 -13.13 -27.88
C GLU A 221 15.52 -12.76 -26.42
N ILE A 222 16.03 -13.56 -25.47
CA ILE A 222 15.95 -13.27 -24.05
C ILE A 222 16.54 -11.88 -23.67
N LEU A 223 17.74 -11.58 -24.18
CA LEU A 223 18.37 -10.28 -23.96
C LEU A 223 17.46 -9.12 -24.36
N ASP A 224 16.82 -9.21 -25.53
CA ASP A 224 15.88 -8.15 -25.95
C ASP A 224 14.66 -8.06 -25.07
N ARG A 225 14.19 -9.20 -24.56
CA ARG A 225 13.03 -9.21 -23.70
C ARG A 225 13.36 -8.57 -22.34
N ILE A 226 14.53 -8.89 -21.81
CA ILE A 226 15.03 -8.22 -20.61
C ILE A 226 15.15 -6.70 -20.81
N ILE A 227 15.74 -6.26 -21.94
CA ILE A 227 15.88 -4.84 -22.22
C ILE A 227 14.49 -4.19 -22.24
N HIS A 228 13.54 -4.80 -22.96
CA HIS A 228 12.19 -4.27 -23.05
C HIS A 228 11.50 -4.20 -21.67
N HIS A 229 11.59 -5.28 -20.91
CA HIS A 229 10.87 -5.42 -19.63
C HIS A 229 11.44 -4.49 -18.56
N THR A 230 12.73 -4.17 -18.68
CA THR A 230 13.40 -3.29 -17.71
C THR A 230 13.55 -1.81 -18.15
N SER A 231 12.97 -1.44 -19.29
CA SER A 231 13.00 -0.03 -19.74
C SER A 231 12.16 0.84 -18.81
N PHE A 232 12.50 2.12 -18.67
CA PHE A 232 11.75 2.99 -17.76
C PHE A 232 10.26 2.99 -18.09
N GLU A 233 9.94 3.00 -19.38
CA GLU A 233 8.55 3.13 -19.83
C GLU A 233 7.67 1.97 -19.36
N VAL A 234 8.26 0.79 -19.30
CA VAL A 234 7.54 -0.39 -18.87
C VAL A 234 7.53 -0.52 -17.36
N MET A 235 8.69 -0.34 -16.74
CA MET A 235 8.78 -0.44 -15.29
C MET A 235 7.93 0.60 -14.58
N LYS A 236 7.82 1.82 -15.14
CA LYS A 236 7.06 2.83 -14.46
C LYS A 236 5.61 2.38 -14.23
N ASP A 237 5.06 1.63 -15.17
CA ASP A 237 3.66 1.17 -15.08
C ASP A 237 3.51 -0.26 -14.52
N ASN A 238 4.61 -0.86 -14.10
CA ASN A 238 4.57 -2.20 -13.51
C ASN A 238 4.36 -2.06 -11.98
N PRO A 239 3.15 -2.38 -11.50
CA PRO A 239 2.89 -2.21 -10.08
C PRO A 239 3.71 -3.12 -9.16
N LEU A 240 4.36 -4.16 -9.71
CA LEU A 240 5.22 -5.00 -8.87
C LEU A 240 6.57 -4.36 -8.52
N VAL A 241 6.99 -3.36 -9.28
CA VAL A 241 8.31 -2.75 -9.09
C VAL A 241 8.32 -1.24 -8.90
N ASN A 242 7.20 -0.58 -9.14
CA ASN A 242 7.18 0.89 -9.09
C ASN A 242 6.89 1.54 -7.71
N TYR A 243 6.88 0.72 -6.66
CA TYR A 243 6.68 1.16 -5.26
C TYR A 243 5.29 1.75 -4.93
N THR A 244 4.32 1.64 -5.82
CA THR A 244 2.93 1.97 -5.47
C THR A 244 2.30 0.96 -4.51
N HIS A 245 3.01 -0.15 -4.24
CA HIS A 245 2.46 -1.20 -3.38
C HIS A 245 2.65 -0.89 -1.89
N LEU A 246 3.48 0.10 -1.59
CA LEU A 246 3.73 0.52 -0.20
C LEU A 246 2.57 1.34 0.36
N PRO A 247 2.37 1.28 1.69
CA PRO A 247 1.32 2.09 2.27
C PRO A 247 1.47 3.56 1.87
N THR A 248 0.34 4.17 1.54
CA THR A 248 0.21 5.60 1.26
C THR A 248 0.94 6.41 2.35
N THR A 249 0.83 5.95 3.60
CA THR A 249 1.50 6.62 4.73
C THR A 249 3.02 6.60 4.66
N VAL A 250 3.57 5.57 4.01
CA VAL A 250 5.02 5.40 3.90
C VAL A 250 5.59 6.16 2.71
N MET A 251 4.95 5.99 1.55
CA MET A 251 5.30 6.72 0.36
C MET A 251 4.02 7.28 -0.27
N ASP A 252 3.95 8.59 -0.31
CA ASP A 252 2.83 9.25 -0.97
C ASP A 252 3.27 9.70 -2.39
N HIS A 253 2.89 8.93 -3.40
CA HIS A 253 3.30 9.18 -4.79
C HIS A 253 2.69 10.46 -5.40
N SER A 254 1.68 11.03 -4.74
CA SER A 254 1.09 12.32 -5.17
C SER A 254 2.05 13.49 -5.00
N LYS A 255 2.98 13.40 -4.04
CA LYS A 255 4.09 14.38 -3.88
C LYS A 255 5.22 14.24 -4.94
N SER A 256 5.52 13.01 -5.35
CA SER A 256 6.53 12.66 -6.38
C SER A 256 6.41 11.16 -6.66
N PRO A 257 6.30 10.75 -7.93
CA PRO A 257 6.29 9.30 -8.08
C PRO A 257 7.67 8.72 -7.86
N PHE A 258 7.72 7.45 -7.45
CA PHE A 258 9.01 6.78 -7.28
C PHE A 258 9.69 6.64 -8.66
N MET A 259 8.94 6.12 -9.64
CA MET A 259 9.42 6.17 -11.04
C MET A 259 9.19 7.58 -11.58
N ARG A 260 10.13 8.49 -11.29
CA ARG A 260 9.91 9.93 -11.49
C ARG A 260 10.20 10.37 -12.94
N LYS A 261 11.46 10.31 -13.36
CA LYS A 261 11.84 10.71 -14.73
C LYS A 261 12.64 9.62 -15.46
N GLY A 262 13.54 8.95 -14.73
CA GLY A 262 14.37 7.91 -15.36
C GLY A 262 15.31 8.38 -16.47
N THR A 263 15.78 9.62 -16.35
CA THR A 263 16.62 10.26 -17.37
C THR A 263 18.01 10.64 -16.82
N ALA A 264 19.01 10.62 -17.69
CA ALA A 264 20.30 11.21 -17.36
C ALA A 264 20.23 12.64 -17.87
N GLY A 265 20.59 13.61 -17.07
CA GLY A 265 20.49 15.01 -17.52
C GLY A 265 19.31 15.77 -16.96
N ASP A 266 18.42 15.05 -16.27
CA ASP A 266 17.23 15.69 -15.70
C ASP A 266 17.61 16.79 -14.72
N TRP A 267 18.79 16.64 -14.10
CA TRP A 267 19.29 17.66 -13.16
C TRP A 267 19.29 19.08 -13.73
N LYS A 268 19.43 19.20 -15.05
CA LYS A 268 19.56 20.52 -15.68
C LYS A 268 18.29 21.35 -15.46
N ASN A 269 17.18 20.66 -15.25
CA ASN A 269 15.89 21.29 -15.06
C ASN A 269 15.72 21.95 -13.72
N TYR A 270 16.65 21.71 -12.79
CA TYR A 270 16.50 22.19 -11.41
C TYR A 270 17.70 22.99 -10.92
N PHE A 271 18.88 22.62 -11.36
CA PHE A 271 20.09 23.38 -10.99
C PHE A 271 20.06 24.75 -11.66
N THR A 272 20.19 25.82 -10.87
CA THR A 272 20.49 27.13 -11.45
C THR A 272 21.97 27.16 -11.86
N VAL A 273 22.33 28.07 -12.76
CA VAL A 273 23.72 28.21 -13.19
C VAL A 273 24.66 28.48 -12.01
N ALA A 274 24.23 29.34 -11.09
CA ALA A 274 24.99 29.61 -9.87
C ALA A 274 25.18 28.35 -8.99
N GLN A 275 24.10 27.59 -8.79
CA GLN A 275 24.19 26.30 -8.08
C GLN A 275 25.16 25.34 -8.77
N ASN A 276 25.11 25.35 -10.10
CA ASN A 276 25.94 24.49 -10.93
C ASN A 276 27.42 24.79 -10.76
N GLU A 277 27.77 26.08 -10.85
CA GLU A 277 29.15 26.50 -10.66
C GLU A 277 29.70 26.16 -9.27
N LYS A 278 28.89 26.34 -8.23
CA LYS A 278 29.29 25.99 -6.87
C LYS A 278 29.45 24.46 -6.72
N PHE A 279 28.49 23.70 -7.22
CA PHE A 279 28.57 22.24 -7.21
C PHE A 279 29.86 21.79 -7.86
N ASP A 280 30.08 22.24 -9.10
CA ASP A 280 31.28 21.87 -9.87
C ASP A 280 32.59 22.10 -9.09
N ALA A 281 32.68 23.21 -8.37
CA ALA A 281 33.89 23.52 -7.59
C ALA A 281 34.12 22.50 -6.45
N ILE A 282 33.06 22.17 -5.71
CA ILE A 282 33.11 21.14 -4.67
C ILE A 282 33.42 19.78 -5.26
N TYR A 283 32.68 19.42 -6.32
CA TYR A 283 32.91 18.18 -7.03
C TYR A 283 34.41 18.03 -7.43
N GLU A 284 34.97 19.06 -8.05
CA GLU A 284 36.39 19.00 -8.45
C GLU A 284 37.34 18.70 -7.27
N THR A 285 37.13 19.41 -6.17
CA THR A 285 37.90 19.21 -4.94
C THR A 285 37.81 17.79 -4.41
N GLU A 286 36.61 17.21 -4.44
CA GLU A 286 36.40 15.85 -3.95
C GLU A 286 36.93 14.78 -4.88
N MET A 287 36.80 15.00 -6.18
CA MET A 287 36.85 13.91 -7.17
C MET A 287 38.02 13.96 -8.15
N SER A 288 38.77 15.06 -8.19
CA SER A 288 39.81 15.21 -9.22
C SER A 288 40.89 14.13 -9.14
N LYS A 289 41.18 13.66 -7.94
CA LYS A 289 42.27 12.69 -7.78
C LYS A 289 41.85 11.27 -8.13
N THR A 290 40.54 11.02 -8.14
CA THR A 290 40.05 9.69 -8.45
C THR A 290 39.98 9.54 -9.96
N ALA A 291 40.10 8.30 -10.40
CA ALA A 291 40.04 7.95 -11.81
C ALA A 291 38.59 7.59 -12.24
N LEU A 292 37.58 8.15 -11.58
CA LEU A 292 36.19 7.96 -12.02
C LEU A 292 35.83 9.20 -12.82
N GLN A 293 35.24 8.99 -13.98
CA GLN A 293 34.76 10.07 -14.84
C GLN A 293 33.29 9.78 -15.08
N PHE A 294 32.43 10.50 -14.36
CA PHE A 294 30.99 10.33 -14.50
C PHE A 294 30.55 11.20 -15.65
N ARG A 295 29.49 10.78 -16.34
CA ARG A 295 28.81 11.64 -17.29
C ARG A 295 27.55 12.24 -16.65
N THR A 296 27.27 13.50 -16.94
CA THR A 296 26.10 14.19 -16.38
C THR A 296 25.01 14.29 -17.44
N GLU A 297 25.37 13.87 -18.64
CA GLU A 297 24.43 13.75 -19.73
C GLU A 297 24.93 12.71 -20.73
N ILE A 298 24.00 12.16 -21.50
CA ILE A 298 24.30 11.21 -22.59
C ILE A 298 24.12 11.87 -23.97
N MET B 3 0.94 -15.70 0.35
CA MET B 3 1.78 -16.74 -0.36
C MET B 3 1.29 -17.03 -1.79
N LEU B 4 0.26 -16.30 -2.23
CA LEU B 4 -0.19 -16.40 -3.62
C LEU B 4 0.64 -15.43 -4.48
N SER B 5 0.80 -15.72 -5.76
CA SER B 5 1.51 -14.76 -6.60
C SER B 5 0.52 -13.63 -6.92
N PRO B 6 1.01 -12.40 -7.10
CA PRO B 6 0.12 -11.28 -7.45
C PRO B 6 -0.69 -11.55 -8.73
N LYS B 7 -1.95 -11.13 -8.75
CA LYS B 7 -2.77 -11.34 -9.94
C LYS B 7 -3.20 -10.02 -10.55
N ASP B 8 -3.57 -10.07 -11.82
CA ASP B 8 -3.97 -8.87 -12.54
C ASP B 8 -5.42 -8.50 -12.21
N ILE B 9 -5.57 -7.67 -11.19
CA ILE B 9 -6.89 -7.35 -10.65
C ILE B 9 -7.18 -5.84 -10.69
N LEU B 10 -6.21 -5.04 -11.09
CA LEU B 10 -6.41 -3.61 -11.04
C LEU B 10 -7.34 -3.12 -12.15
N ARG B 11 -8.37 -2.38 -11.75
CA ARG B 11 -9.32 -1.75 -12.70
C ARG B 11 -10.01 -2.71 -13.66
N LYS B 12 -10.30 -3.92 -13.20
CA LYS B 12 -10.93 -4.91 -14.04
C LYS B 12 -12.42 -4.84 -13.87
N ASP B 13 -13.12 -5.24 -14.92
CA ASP B 13 -14.54 -5.50 -14.88
C ASP B 13 -14.94 -6.40 -13.73
N LEU B 14 -16.15 -6.13 -13.23
CA LEU B 14 -16.86 -6.97 -12.30
C LEU B 14 -17.08 -8.37 -12.86
N LYS B 15 -16.97 -9.35 -11.98
CA LYS B 15 -17.28 -10.73 -12.26
C LYS B 15 -18.52 -11.10 -11.45
N LEU B 16 -19.38 -11.94 -12.01
CA LEU B 16 -20.57 -12.41 -11.28
C LEU B 16 -20.20 -13.55 -10.36
N VAL B 17 -20.74 -13.47 -9.15
CA VAL B 17 -20.75 -14.55 -8.19
C VAL B 17 -22.22 -14.88 -7.90
N HIS B 18 -22.62 -16.09 -8.23
CA HIS B 18 -24.02 -16.51 -8.10
C HIS B 18 -24.98 -15.38 -8.47
N GLY B 19 -24.75 -14.77 -9.64
CA GLY B 19 -25.63 -13.74 -10.16
C GLY B 19 -25.36 -12.32 -9.68
N TYR B 20 -24.52 -12.16 -8.65
CA TYR B 20 -24.19 -10.82 -8.14
C TYR B 20 -22.89 -10.33 -8.73
N PRO B 21 -22.91 -9.09 -9.30
CA PRO B 21 -21.62 -8.50 -9.70
C PRO B 21 -20.73 -8.33 -8.48
N MET B 22 -19.44 -8.58 -8.66
CA MET B 22 -18.47 -8.54 -7.56
C MET B 22 -17.15 -7.99 -8.03
N THR B 23 -16.47 -7.26 -7.16
CA THR B 23 -15.13 -6.77 -7.42
C THR B 23 -14.28 -7.94 -7.92
N CYS B 24 -13.52 -7.68 -8.98
CA CYS B 24 -12.75 -8.73 -9.63
C CYS B 24 -11.83 -9.45 -8.65
N ALA B 25 -11.06 -8.65 -7.90
CA ALA B 25 -10.16 -9.18 -6.88
C ALA B 25 -10.85 -10.22 -5.98
N PHE B 26 -12.12 -10.00 -5.64
CA PHE B 26 -12.83 -10.88 -4.68
C PHE B 26 -13.67 -12.02 -5.30
N ALA B 27 -13.67 -12.17 -6.62
CA ALA B 27 -14.58 -13.15 -7.22
C ALA B 27 -14.00 -14.55 -7.49
N SER B 28 -12.70 -14.74 -7.32
CA SER B 28 -12.08 -16.06 -7.53
C SER B 28 -12.16 -16.97 -6.30
N ASN B 29 -12.17 -18.29 -6.55
CA ASN B 29 -12.20 -19.32 -5.49
C ASN B 29 -13.31 -19.04 -4.48
N TRP B 30 -14.53 -18.84 -4.99
CA TRP B 30 -15.68 -18.56 -4.13
C TRP B 30 -15.99 -19.68 -3.15
N GLU B 31 -15.65 -20.93 -3.49
CA GLU B 31 -15.90 -22.05 -2.57
C GLU B 31 -15.27 -21.83 -1.20
N LYS B 32 -14.08 -21.24 -1.18
CA LYS B 32 -13.42 -20.93 0.08
C LYS B 32 -14.29 -20.06 0.98
N ILE B 33 -14.91 -19.03 0.40
CA ILE B 33 -15.83 -18.17 1.14
C ILE B 33 -17.07 -18.93 1.61
N GLU B 34 -17.75 -19.61 0.68
CA GLU B 34 -18.91 -20.47 1.01
C GLU B 34 -18.67 -21.42 2.18
N GLN B 35 -17.47 -21.98 2.24
CA GLN B 35 -17.13 -22.98 3.25
C GLN B 35 -16.64 -22.39 4.56
N PHE B 36 -16.69 -21.05 4.71
CA PHE B 36 -16.10 -20.39 5.88
C PHE B 36 -16.65 -20.99 7.17
N HIS B 37 -15.75 -21.28 8.10
CA HIS B 37 -16.12 -21.82 9.41
C HIS B 37 -16.34 -20.71 10.39
N SER B 38 -17.60 -20.43 10.70
CA SER B 38 -17.88 -19.40 11.73
C SER B 38 -17.73 -20.00 13.11
N ARG B 39 -17.79 -19.15 14.14
CA ARG B 39 -17.79 -19.59 15.54
C ARG B 39 -19.07 -19.01 16.11
N PRO B 40 -19.71 -19.73 17.05
CA PRO B 40 -21.01 -19.22 17.49
C PRO B 40 -20.99 -17.80 18.09
N ASP B 41 -19.84 -17.34 18.59
CA ASP B 41 -19.71 -15.98 19.15
C ASP B 41 -19.08 -14.90 18.22
N ASP B 42 -18.91 -15.26 16.95
CA ASP B 42 -18.68 -14.25 15.90
C ASP B 42 -19.83 -13.26 15.84
N ILE B 43 -19.47 -11.99 15.74
CA ILE B 43 -20.42 -10.91 15.56
C ILE B 43 -20.27 -10.42 14.12
N VAL B 44 -21.34 -10.48 13.34
CA VAL B 44 -21.25 -10.05 11.95
C VAL B 44 -21.72 -8.61 11.76
N ILE B 45 -20.88 -7.75 11.19
CA ILE B 45 -21.33 -6.42 10.74
C ILE B 45 -21.55 -6.48 9.23
N ALA B 46 -22.79 -6.34 8.81
CA ALA B 46 -23.10 -6.41 7.39
C ALA B 46 -23.68 -5.08 6.89
N THR B 47 -23.29 -4.67 5.68
CA THR B 47 -23.73 -3.38 5.11
C THR B 47 -23.66 -3.49 3.59
N TYR B 48 -24.51 -2.74 2.90
CA TYR B 48 -24.18 -2.40 1.52
C TYR B 48 -22.94 -1.48 1.56
N PRO B 49 -22.03 -1.55 0.57
CA PRO B 49 -20.91 -0.61 0.56
C PRO B 49 -21.26 0.80 0.90
N LYS B 50 -20.42 1.42 1.74
CA LYS B 50 -20.40 2.86 1.97
C LYS B 50 -21.51 3.33 2.89
N SER B 51 -22.01 2.40 3.71
CA SER B 51 -23.13 2.66 4.57
C SER B 51 -22.71 2.84 6.01
N GLY B 52 -21.39 2.92 6.26
CA GLY B 52 -20.83 3.14 7.61
C GLY B 52 -20.22 1.93 8.30
N THR B 53 -19.66 1.00 7.53
CA THR B 53 -19.07 -0.24 8.04
C THR B 53 -17.88 0.02 9.01
N THR B 54 -16.96 0.86 8.54
CA THR B 54 -15.79 1.24 9.33
C THR B 54 -16.22 1.93 10.61
N TRP B 55 -17.14 2.85 10.50
CA TRP B 55 -17.69 3.54 11.66
C TRP B 55 -18.18 2.57 12.75
N VAL B 56 -19.09 1.71 12.39
CA VAL B 56 -19.73 0.85 13.38
C VAL B 56 -18.77 -0.28 13.82
N SER B 57 -17.82 -0.65 12.96
CA SER B 57 -16.76 -1.60 13.29
C SER B 57 -15.93 -1.10 14.48
N GLU B 58 -15.49 0.15 14.41
CA GLU B 58 -14.78 0.76 15.50
C GLU B 58 -15.69 0.90 16.76
N ILE B 59 -16.98 1.18 16.56
CA ILE B 59 -17.92 1.25 17.71
C ILE B 59 -18.00 -0.09 18.43
N ILE B 60 -18.16 -1.16 17.66
CA ILE B 60 -18.31 -2.49 18.20
C ILE B 60 -17.00 -2.99 18.82
N ASP B 61 -15.89 -2.67 18.18
CA ASP B 61 -14.59 -2.98 18.79
C ASP B 61 -14.45 -2.33 20.17
N MET B 62 -14.87 -1.07 20.26
CA MET B 62 -14.85 -0.31 21.54
C MET B 62 -15.74 -0.91 22.61
N ILE B 63 -16.97 -1.27 22.26
CA ILE B 63 -17.86 -2.00 23.17
C ILE B 63 -17.27 -3.31 23.67
N LEU B 64 -16.75 -4.13 22.75
CA LEU B 64 -16.18 -5.42 23.14
C LEU B 64 -14.91 -5.30 23.98
N ASN B 65 -14.25 -4.14 23.91
CA ASN B 65 -13.06 -3.86 24.71
C ASN B 65 -13.33 -2.93 25.92
N ASP B 66 -14.60 -2.79 26.29
CA ASP B 66 -15.12 -1.91 27.35
C ASP B 66 -14.71 -0.44 27.25
N GLY B 67 -14.55 0.07 26.04
CA GLY B 67 -14.11 1.43 25.85
C GLY B 67 -12.62 1.62 26.14
N ASP B 68 -11.87 0.53 26.22
CA ASP B 68 -10.41 0.60 26.38
C ASP B 68 -9.72 1.06 25.09
N ILE B 69 -9.46 2.37 24.99
CA ILE B 69 -8.84 2.95 23.80
C ILE B 69 -7.49 2.32 23.44
N GLU B 70 -6.67 1.98 24.43
CA GLU B 70 -5.37 1.36 24.16
C GLU B 70 -5.55 0.03 23.44
N LYS B 71 -6.52 -0.78 23.88
CA LYS B 71 -6.82 -2.06 23.25
C LYS B 71 -7.39 -1.86 21.85
N CYS B 72 -8.12 -0.76 21.62
CA CYS B 72 -8.60 -0.44 20.26
C CYS B 72 -7.52 0.08 19.31
N LYS B 73 -6.32 0.29 19.86
CA LYS B 73 -5.18 0.79 19.12
C LYS B 73 -4.18 -0.30 18.91
N ARG B 74 -4.57 -1.52 19.30
CA ARG B 74 -3.76 -2.73 19.11
C ARG B 74 -3.42 -3.06 17.65
N GLY B 75 -4.18 -2.51 16.71
CA GLY B 75 -3.99 -2.83 15.28
C GLY B 75 -4.82 -2.01 14.32
N PHE B 76 -4.49 -2.07 13.03
CA PHE B 76 -5.28 -1.42 11.98
C PHE B 76 -6.65 -2.09 11.88
N ILE B 77 -7.66 -1.34 11.46
CA ILE B 77 -9.02 -1.85 11.40
C ILE B 77 -9.13 -3.12 10.54
N THR B 78 -8.29 -3.22 9.51
CA THR B 78 -8.29 -4.39 8.65
C THR B 78 -7.88 -5.66 9.42
N GLU B 79 -7.08 -5.51 10.48
CA GLU B 79 -6.72 -6.67 11.31
C GLU B 79 -7.70 -6.93 12.41
N LYS B 80 -8.20 -5.85 13.02
CA LYS B 80 -9.16 -5.98 14.13
C LYS B 80 -10.52 -6.54 13.65
N VAL B 81 -10.99 -6.05 12.49
CA VAL B 81 -12.30 -6.41 11.97
C VAL B 81 -12.18 -6.71 10.49
N PRO B 82 -11.71 -7.91 10.15
CA PRO B 82 -11.42 -8.22 8.76
C PRO B 82 -12.68 -8.33 7.89
N MET B 83 -12.55 -7.98 6.60
CA MET B 83 -13.63 -8.16 5.63
C MET B 83 -13.59 -9.61 5.14
N LEU B 84 -14.66 -10.35 5.40
CA LEU B 84 -14.74 -11.77 5.09
C LEU B 84 -14.31 -12.16 3.67
N GLU B 85 -14.93 -11.49 2.70
CA GLU B 85 -14.72 -11.78 1.31
C GLU B 85 -13.47 -11.10 0.72
N MET B 86 -12.71 -10.37 1.51
CA MET B 86 -11.51 -9.70 0.96
C MET B 86 -10.38 -10.68 0.67
N THR B 87 -9.78 -10.52 -0.52
CA THR B 87 -8.51 -11.15 -0.88
C THR B 87 -7.68 -10.22 -1.76
N LEU B 88 -6.36 -10.27 -1.57
CA LEU B 88 -5.44 -9.41 -2.28
C LEU B 88 -4.16 -10.24 -2.51
N PRO B 89 -4.20 -11.18 -3.47
CA PRO B 89 -3.14 -12.20 -3.58
C PRO B 89 -1.74 -11.61 -3.68
N GLY B 90 -0.82 -12.12 -2.86
CA GLY B 90 0.55 -11.62 -2.84
C GLY B 90 0.76 -10.25 -2.22
N LEU B 91 -0.29 -9.63 -1.68
CA LEU B 91 -0.09 -8.28 -1.15
C LEU B 91 -0.50 -8.14 0.31
N ARG B 92 -1.67 -8.65 0.64
CA ARG B 92 -2.12 -8.59 2.02
C ARG B 92 -2.78 -9.93 2.37
N THR B 93 -2.80 -10.22 3.66
CA THR B 93 -3.48 -11.41 4.20
C THR B 93 -4.96 -11.30 3.87
N SER B 94 -5.53 -12.39 3.38
CA SER B 94 -6.96 -12.40 3.03
C SER B 94 -7.76 -12.21 4.34
N GLY B 95 -9.03 -11.81 4.24
CA GLY B 95 -9.84 -11.59 5.44
C GLY B 95 -10.06 -12.89 6.22
N ILE B 96 -10.19 -14.00 5.47
CA ILE B 96 -10.39 -15.33 6.07
C ILE B 96 -9.15 -15.84 6.78
N GLU B 97 -7.96 -15.62 6.19
CA GLU B 97 -6.74 -15.98 6.89
C GLU B 97 -6.56 -15.11 8.12
N GLN B 98 -6.98 -13.85 8.04
CA GLN B 98 -6.87 -12.96 9.22
C GLN B 98 -7.87 -13.35 10.33
N LEU B 99 -9.08 -13.72 9.96
CA LEU B 99 -10.08 -14.19 10.92
C LEU B 99 -9.67 -15.48 11.60
N GLU B 100 -8.98 -16.37 10.88
CA GLU B 100 -8.47 -17.59 11.47
C GLU B 100 -7.29 -17.34 12.43
N LYS B 101 -6.64 -16.16 12.34
CA LYS B 101 -5.67 -15.72 13.37
C LYS B 101 -6.31 -15.01 14.57
N ASN B 102 -7.54 -14.52 14.40
CA ASN B 102 -8.13 -13.61 15.39
C ASN B 102 -8.77 -14.32 16.57
N PRO B 103 -8.60 -13.76 17.78
CA PRO B 103 -9.26 -14.32 18.97
C PRO B 103 -10.76 -14.06 19.03
N SER B 104 -11.52 -15.06 19.46
CA SER B 104 -12.94 -14.89 19.83
C SER B 104 -13.15 -13.98 21.06
N PRO B 105 -14.24 -13.21 21.07
CA PRO B 105 -15.24 -13.10 19.99
C PRO B 105 -14.67 -12.30 18.81
N ARG B 106 -14.81 -12.82 17.60
CA ARG B 106 -14.33 -12.16 16.41
C ARG B 106 -15.42 -11.27 15.81
N ILE B 107 -15.06 -10.05 15.42
CA ILE B 107 -15.94 -9.22 14.60
C ILE B 107 -15.57 -9.43 13.13
N VAL B 108 -16.59 -9.71 12.32
CA VAL B 108 -16.44 -9.96 10.89
C VAL B 108 -17.25 -8.90 10.12
N LYS B 109 -16.60 -8.18 9.22
CA LYS B 109 -17.26 -7.22 8.33
C LYS B 109 -17.54 -7.92 7.00
N THR B 110 -18.70 -7.62 6.41
CA THR B 110 -19.02 -8.15 5.09
C THR B 110 -20.00 -7.25 4.36
N HIS B 111 -19.98 -7.29 3.02
CA HIS B 111 -21.00 -6.57 2.23
C HIS B 111 -21.92 -7.51 1.48
N LEU B 112 -21.85 -8.79 1.82
CA LEU B 112 -22.52 -9.80 1.02
C LEU B 112 -24.01 -9.66 1.17
N PRO B 113 -24.76 -9.87 0.07
CA PRO B 113 -26.20 -10.05 0.13
C PRO B 113 -26.57 -11.27 0.99
N THR B 114 -27.76 -11.28 1.57
CA THR B 114 -28.12 -12.38 2.49
C THR B 114 -27.89 -13.77 1.91
N ASP B 115 -28.15 -13.95 0.61
CA ASP B 115 -28.03 -15.27 0.00
C ASP B 115 -26.61 -15.68 -0.40
N LEU B 116 -25.63 -14.80 -0.19
N LEU B 116 -25.64 -14.79 -0.18
CA LEU B 116 -24.23 -15.15 -0.41
CA LEU B 116 -24.21 -15.11 -0.42
C LEU B 116 -23.46 -15.43 0.88
C LEU B 116 -23.40 -15.28 0.86
N LEU B 117 -24.00 -14.96 2.01
CA LEU B 117 -23.32 -15.09 3.30
C LEU B 117 -23.10 -16.57 3.61
N PRO B 118 -21.88 -16.95 4.04
CA PRO B 118 -21.59 -18.37 4.34
C PRO B 118 -22.64 -18.98 5.25
N LYS B 119 -23.07 -20.20 4.92
CA LYS B 119 -24.20 -20.83 5.64
C LYS B 119 -23.84 -21.06 7.09
N SER B 120 -22.55 -21.18 7.36
CA SER B 120 -22.07 -21.38 8.74
C SER B 120 -22.59 -20.33 9.72
N PHE B 121 -22.62 -19.05 9.29
CA PHE B 121 -23.15 -17.97 10.16
C PHE B 121 -24.62 -18.16 10.63
N TRP B 122 -25.47 -18.61 9.71
CA TRP B 122 -26.87 -18.93 10.01
C TRP B 122 -26.96 -20.14 10.96
N GLU B 123 -26.15 -21.16 10.67
CA GLU B 123 -26.19 -22.41 11.42
C GLU B 123 -25.73 -22.23 12.85
N ASN B 124 -24.70 -21.40 13.06
CA ASN B 124 -24.23 -21.07 14.40
C ASN B 124 -25.03 -19.98 15.12
N ASN B 125 -26.13 -19.52 14.53
CA ASN B 125 -26.97 -18.45 15.07
C ASN B 125 -26.19 -17.21 15.53
N CYS B 126 -25.19 -16.85 14.73
CA CYS B 126 -24.36 -15.69 15.02
C CYS B 126 -25.18 -14.41 15.06
N LYS B 127 -24.92 -13.57 16.06
CA LYS B 127 -25.53 -12.22 16.11
C LYS B 127 -24.93 -11.39 14.98
N MET B 128 -25.77 -10.55 14.36
CA MET B 128 -25.34 -9.71 13.26
C MET B 128 -25.95 -8.34 13.41
N ILE B 129 -25.19 -7.33 13.03
CA ILE B 129 -25.66 -5.95 13.00
C ILE B 129 -25.66 -5.53 11.52
N TYR B 130 -26.83 -5.16 11.02
CA TYR B 130 -26.93 -4.65 9.66
C TYR B 130 -27.15 -3.12 9.63
N LEU B 131 -26.24 -2.40 9.00
CA LEU B 131 -26.35 -0.94 8.96
C LEU B 131 -26.71 -0.53 7.54
N ALA B 132 -27.72 0.33 7.45
CA ALA B 132 -28.22 0.80 6.17
C ALA B 132 -28.09 2.31 6.12
N ARG B 133 -27.93 2.86 4.92
CA ARG B 133 -27.76 4.29 4.73
C ARG B 133 -28.60 4.67 3.52
N ASN B 134 -29.06 5.92 3.48
CA ASN B 134 -29.98 6.33 2.41
C ASN B 134 -29.26 6.18 1.07
N ALA B 135 -30.00 5.72 0.05
CA ALA B 135 -29.43 5.36 -1.24
C ALA B 135 -28.77 6.48 -2.00
N LYS B 136 -29.17 7.72 -1.75
CA LYS B 136 -28.59 8.88 -2.44
C LYS B 136 -27.18 9.17 -1.94
N ASP B 137 -27.00 9.22 -0.63
CA ASP B 137 -25.62 9.39 -0.10
C ASP B 137 -24.75 8.17 -0.40
N VAL B 138 -25.35 6.99 -0.33
CA VAL B 138 -24.61 5.76 -0.70
C VAL B 138 -24.06 5.89 -2.13
N SER B 139 -24.93 6.28 -3.08
CA SER B 139 -24.52 6.31 -4.49
C SER B 139 -23.39 7.30 -4.70
N VAL B 140 -23.43 8.44 -3.98
CA VAL B 140 -22.35 9.46 -4.08
C VAL B 140 -21.06 9.00 -3.38
N SER B 141 -21.22 8.41 -2.20
CA SER B 141 -20.07 7.84 -1.49
C SER B 141 -19.39 6.72 -2.30
N TYR B 142 -20.19 5.87 -2.94
CA TYR B 142 -19.70 4.72 -3.74
C TYR B 142 -19.00 5.18 -5.03
N TYR B 143 -19.55 6.20 -5.68
CA TYR B 143 -18.91 6.81 -6.83
C TYR B 143 -17.49 7.27 -6.48
N HIS B 144 -17.38 8.11 -5.48
CA HIS B 144 -16.08 8.59 -5.03
C HIS B 144 -15.16 7.48 -4.57
N PHE B 145 -15.71 6.50 -3.86
CA PHE B 145 -14.94 5.29 -3.55
C PHE B 145 -14.35 4.65 -4.81
N ASP B 146 -15.11 4.54 -5.89
CA ASP B 146 -14.58 3.95 -7.12
C ASP B 146 -13.47 4.78 -7.75
N LEU B 147 -13.46 6.08 -7.50
CA LEU B 147 -12.36 6.95 -7.95
C LEU B 147 -11.03 6.58 -7.31
N MET B 148 -11.06 6.30 -6.00
CA MET B 148 -9.84 6.01 -5.23
C MET B 148 -9.45 4.53 -5.11
N ASN B 149 -10.42 3.63 -5.25
CA ASN B 149 -10.19 2.20 -5.07
C ASN B 149 -9.91 1.51 -6.39
N ASN B 150 -8.65 1.15 -6.64
CA ASN B 150 -8.21 0.63 -7.96
C ASN B 150 -8.59 -0.81 -8.25
N LEU B 151 -9.21 -1.48 -7.29
CA LEU B 151 -9.79 -2.82 -7.51
C LEU B 151 -11.14 -2.74 -8.22
N GLN B 152 -11.75 -1.56 -8.20
CA GLN B 152 -13.03 -1.31 -8.82
C GLN B 152 -12.85 -0.96 -10.29
N PRO B 153 -13.90 -1.19 -11.11
CA PRO B 153 -13.82 -0.64 -12.47
C PRO B 153 -13.88 0.89 -12.41
N PHE B 154 -13.25 1.56 -13.36
CA PHE B 154 -13.37 3.02 -13.47
C PHE B 154 -14.87 3.36 -13.53
N PRO B 155 -15.33 4.27 -12.68
CA PRO B 155 -16.78 4.53 -12.64
C PRO B 155 -17.32 5.32 -13.84
N GLY B 156 -16.43 6.04 -14.52
CA GLY B 156 -16.84 7.04 -15.51
C GLY B 156 -17.23 8.38 -14.87
N THR B 157 -18.12 9.10 -15.56
CA THR B 157 -18.66 10.35 -15.05
C THR B 157 -19.70 9.99 -14.01
N TRP B 158 -20.05 10.97 -13.17
CA TRP B 158 -21.11 10.79 -12.19
C TRP B 158 -22.39 10.35 -12.90
N GLU B 159 -22.73 11.02 -14.02
CA GLU B 159 -23.94 10.68 -14.76
C GLU B 159 -24.01 9.20 -15.23
N GLU B 160 -22.90 8.67 -15.75
CA GLU B 160 -22.83 7.28 -16.17
C GLU B 160 -22.90 6.38 -14.96
N TYR B 161 -22.21 6.78 -13.89
CA TYR B 161 -22.15 5.95 -12.70
C TYR B 161 -23.54 5.82 -12.10
N LEU B 162 -24.27 6.94 -11.96
CA LEU B 162 -25.59 6.87 -11.33
C LEU B 162 -26.56 5.90 -12.01
N GLU B 163 -26.50 5.82 -13.35
CA GLU B 163 -27.33 4.84 -14.07
C GLU B 163 -26.94 3.38 -13.74
N LYS B 164 -25.65 3.11 -13.58
CA LYS B 164 -25.19 1.79 -13.19
C LYS B 164 -25.66 1.40 -11.79
N PHE B 165 -25.62 2.36 -10.87
CA PHE B 165 -26.06 2.18 -9.51
C PHE B 165 -27.54 1.90 -9.43
N LEU B 166 -28.32 2.69 -10.18
CA LEU B 166 -29.76 2.54 -10.19
C LEU B 166 -30.18 1.19 -10.73
N THR B 167 -29.41 0.64 -11.65
CA THR B 167 -29.77 -0.66 -12.20
C THR B 167 -28.97 -1.79 -11.58
N GLY B 168 -28.25 -1.53 -10.50
CA GLY B 168 -27.62 -2.62 -9.72
C GLY B 168 -26.40 -3.21 -10.38
N LYS B 169 -25.83 -2.47 -11.33
CA LYS B 169 -24.68 -2.93 -12.09
C LYS B 169 -23.39 -2.44 -11.46
N VAL B 170 -23.23 -2.75 -10.17
CA VAL B 170 -22.09 -2.28 -9.38
C VAL B 170 -21.73 -3.45 -8.45
N ALA B 171 -20.51 -3.43 -7.90
CA ALA B 171 -20.10 -4.48 -6.98
C ALA B 171 -21.11 -4.65 -5.86
N TYR B 172 -21.53 -5.90 -5.67
CA TYR B 172 -22.51 -6.36 -4.68
C TYR B 172 -23.96 -6.17 -5.11
N GLY B 173 -24.13 -5.69 -6.33
CA GLY B 173 -25.47 -5.61 -6.91
C GLY B 173 -26.31 -4.44 -6.42
N SER B 174 -27.63 -4.64 -6.45
CA SER B 174 -28.60 -3.56 -6.22
C SER B 174 -28.68 -3.24 -4.72
N TRP B 175 -28.59 -1.95 -4.38
CA TRP B 175 -28.84 -1.46 -3.02
C TRP B 175 -30.26 -1.79 -2.56
N PHE B 176 -31.25 -1.68 -3.46
CA PHE B 176 -32.64 -1.99 -3.12
C PHE B 176 -32.83 -3.41 -2.59
N THR B 177 -32.40 -4.38 -3.40
CA THR B 177 -32.42 -5.80 -3.02
C THR B 177 -31.59 -6.07 -1.74
N HIS B 178 -30.42 -5.44 -1.61
CA HIS B 178 -29.53 -5.69 -0.47
C HIS B 178 -30.31 -5.33 0.79
N VAL B 179 -30.84 -4.12 0.80
CA VAL B 179 -31.47 -3.56 1.97
C VAL B 179 -32.81 -4.27 2.29
N LYS B 180 -33.60 -4.55 1.26
CA LYS B 180 -34.89 -5.24 1.48
C LYS B 180 -34.69 -6.70 1.98
N ASN B 181 -33.78 -7.45 1.34
CA ASN B 181 -33.53 -8.84 1.78
C ASN B 181 -32.89 -8.95 3.19
N TRP B 182 -32.01 -8.02 3.55
CA TRP B 182 -31.52 -7.97 4.94
C TRP B 182 -32.61 -7.58 5.97
N TRP B 183 -33.50 -6.66 5.59
CA TRP B 183 -34.62 -6.28 6.46
C TRP B 183 -35.58 -7.46 6.71
N LYS B 184 -35.83 -8.26 5.66
CA LYS B 184 -36.66 -9.46 5.71
C LYS B 184 -36.06 -10.56 6.60
N LYS B 185 -34.73 -10.65 6.59
CA LYS B 185 -34.00 -11.65 7.33
C LYS B 185 -34.09 -11.46 8.83
N LYS B 186 -34.30 -10.22 9.28
CA LYS B 186 -34.27 -9.95 10.73
C LYS B 186 -35.42 -10.57 11.51
N GLU B 187 -36.50 -10.93 10.82
CA GLU B 187 -37.61 -11.65 11.42
C GLU B 187 -37.19 -13.09 11.77
N GLU B 188 -36.13 -13.57 11.09
CA GLU B 188 -35.76 -14.98 11.06
C GLU B 188 -34.45 -15.29 11.81
N HIS B 189 -33.64 -14.27 12.11
CA HIS B 189 -32.31 -14.42 12.67
C HIS B 189 -32.07 -13.23 13.58
N PRO B 190 -31.15 -13.36 14.56
CA PRO B 190 -30.80 -12.24 15.43
C PRO B 190 -29.99 -11.14 14.74
N ILE B 191 -30.69 -10.26 14.04
CA ILE B 191 -30.07 -9.15 13.32
C ILE B 191 -30.57 -7.82 13.89
N LEU B 192 -29.64 -6.98 14.33
CA LEU B 192 -29.94 -5.60 14.68
C LEU B 192 -29.90 -4.73 13.43
N PHE B 193 -31.02 -4.07 13.13
CA PHE B 193 -31.12 -3.25 11.93
C PHE B 193 -31.00 -1.77 12.30
N LEU B 194 -29.96 -1.12 11.76
CA LEU B 194 -29.67 0.25 12.11
C LEU B 194 -29.60 1.13 10.85
N TYR B 195 -29.83 2.42 11.07
CA TYR B 195 -29.72 3.45 10.04
C TYR B 195 -28.53 4.39 10.31
N TYR B 196 -27.75 4.62 9.26
CA TYR B 196 -26.62 5.56 9.32
C TYR B 196 -27.10 6.91 9.82
N GLU B 197 -28.24 7.37 9.29
CA GLU B 197 -28.77 8.68 9.64
C GLU B 197 -29.14 8.82 11.13
N ASP B 198 -29.65 7.75 11.74
CA ASP B 198 -29.96 7.79 13.19
C ASP B 198 -28.69 7.91 14.04
N MET B 199 -27.66 7.18 13.62
CA MET B 199 -26.37 7.21 14.28
C MET B 199 -25.72 8.58 14.15
N LYS B 200 -25.87 9.20 12.97
CA LYS B 200 -25.39 10.56 12.75
C LYS B 200 -26.12 11.58 13.65
N GLU B 201 -27.43 11.42 13.79
CA GLU B 201 -28.27 12.33 14.58
C GLU B 201 -28.16 12.11 16.10
N ASN B 202 -28.21 10.84 16.54
CA ASN B 202 -28.13 10.52 17.98
C ASN B 202 -27.23 9.33 18.30
N PRO B 203 -25.89 9.52 18.24
CA PRO B 203 -24.97 8.40 18.47
C PRO B 203 -25.15 7.72 19.82
N LYS B 204 -25.45 8.48 20.88
CA LYS B 204 -25.68 7.88 22.20
C LYS B 204 -26.76 6.80 22.18
N GLU B 205 -27.90 7.13 21.58
CA GLU B 205 -29.05 6.22 21.64
C GLU B 205 -28.84 5.00 20.75
N GLU B 206 -28.23 5.22 19.59
CA GLU B 206 -27.94 4.13 18.69
C GLU B 206 -26.90 3.20 19.29
N ILE B 207 -25.85 3.79 19.87
CA ILE B 207 -24.82 3.03 20.55
C ILE B 207 -25.38 2.19 21.72
N LYS B 208 -26.25 2.80 22.54
CA LYS B 208 -26.99 2.00 23.52
C LYS B 208 -27.69 0.79 22.92
N LYS B 209 -28.24 0.92 21.70
CA LYS B 209 -28.97 -0.18 21.05
C LYS B 209 -28.03 -1.37 20.82
N ILE B 210 -26.83 -1.07 20.32
CA ILE B 210 -25.82 -2.10 20.06
C ILE B 210 -25.36 -2.74 21.36
N ILE B 211 -25.07 -1.90 22.36
CA ILE B 211 -24.75 -2.41 23.69
C ILE B 211 -25.79 -3.42 24.18
N ARG B 212 -27.08 -3.05 24.09
CA ARG B 212 -28.14 -3.96 24.54
C ARG B 212 -28.10 -5.28 23.76
N PHE B 213 -27.99 -5.16 22.43
CA PHE B 213 -28.02 -6.30 21.53
C PHE B 213 -26.82 -7.20 21.81
N LEU B 214 -25.71 -6.62 22.20
CA LEU B 214 -24.54 -7.44 22.48
C LEU B 214 -24.53 -7.94 23.93
N GLU B 215 -25.60 -7.65 24.67
CA GLU B 215 -25.72 -8.04 26.07
C GLU B 215 -24.53 -7.55 26.88
N LYS B 216 -24.13 -6.31 26.61
CA LYS B 216 -23.05 -5.69 27.38
C LYS B 216 -23.68 -4.66 28.33
N ASN B 217 -22.92 -4.25 29.34
CA ASN B 217 -23.34 -3.21 30.26
C ASN B 217 -22.12 -2.32 30.42
N LEU B 218 -22.27 -1.05 30.05
CA LEU B 218 -21.18 -0.07 30.14
C LEU B 218 -21.75 1.21 30.77
N ASN B 219 -20.95 1.84 31.64
CA ASN B 219 -21.39 3.03 32.38
C ASN B 219 -21.34 4.26 31.47
N ASP B 220 -21.81 5.40 31.96
CA ASP B 220 -22.03 6.58 31.13
C ASP B 220 -20.74 7.17 30.54
N GLU B 221 -19.67 7.09 31.32
CA GLU B 221 -18.40 7.67 30.93
C GLU B 221 -17.74 6.86 29.81
N ILE B 222 -17.80 5.52 29.93
CA ILE B 222 -17.33 4.67 28.84
C ILE B 222 -18.16 4.94 27.57
N LEU B 223 -19.48 5.09 27.73
CA LEU B 223 -20.35 5.43 26.62
C LEU B 223 -19.95 6.76 25.98
N ASP B 224 -19.71 7.77 26.81
CA ASP B 224 -19.21 9.07 26.35
C ASP B 224 -17.90 8.97 25.57
N ARG B 225 -16.98 8.13 26.05
CA ARG B 225 -15.71 7.86 25.35
C ARG B 225 -15.91 7.24 23.95
N ILE B 226 -16.77 6.23 23.87
CA ILE B 226 -17.09 5.61 22.60
C ILE B 226 -17.59 6.67 21.60
N ILE B 227 -18.56 7.47 22.02
CA ILE B 227 -19.12 8.51 21.18
C ILE B 227 -18.00 9.43 20.71
N HIS B 228 -17.08 9.76 21.62
CA HIS B 228 -16.03 10.69 21.24
C HIS B 228 -15.01 10.08 20.25
N HIS B 229 -14.50 8.91 20.60
CA HIS B 229 -13.54 8.18 19.77
C HIS B 229 -14.10 7.83 18.37
N THR B 230 -15.41 7.67 18.24
CA THR B 230 -16.02 7.24 16.97
C THR B 230 -16.69 8.34 16.12
N SER B 231 -16.47 9.59 16.49
CA SER B 231 -16.98 10.71 15.69
C SER B 231 -16.13 10.81 14.43
N PHE B 232 -16.72 11.35 13.36
CA PHE B 232 -16.02 11.46 12.07
C PHE B 232 -14.78 12.33 12.20
N GLU B 233 -14.93 13.43 12.95
CA GLU B 233 -13.83 14.34 13.24
C GLU B 233 -12.60 13.62 13.78
N VAL B 234 -12.79 12.72 14.76
CA VAL B 234 -11.68 11.95 15.32
C VAL B 234 -11.22 10.85 14.37
N MET B 235 -12.16 10.04 13.90
CA MET B 235 -11.83 8.87 13.08
C MET B 235 -11.11 9.23 11.78
N LYS B 236 -11.46 10.37 11.19
CA LYS B 236 -10.81 10.82 9.95
C LYS B 236 -9.32 11.03 10.13
N ASP B 237 -8.91 11.39 11.35
CA ASP B 237 -7.51 11.67 11.64
C ASP B 237 -6.87 10.49 12.37
N ASN B 238 -7.59 9.38 12.53
CA ASN B 238 -7.04 8.17 13.14
C ASN B 238 -6.45 7.24 12.06
N PRO B 239 -5.08 7.11 11.99
CA PRO B 239 -4.45 6.32 10.90
C PRO B 239 -4.69 4.82 11.00
N LEU B 240 -5.20 4.36 12.13
CA LEU B 240 -5.53 2.95 12.33
C LEU B 240 -6.90 2.60 11.77
N VAL B 241 -7.71 3.61 11.43
CA VAL B 241 -9.08 3.34 10.88
C VAL B 241 -9.36 4.05 9.57
N ASN B 242 -8.50 5.00 9.19
CA ASN B 242 -8.81 5.85 8.04
C ASN B 242 -8.35 5.34 6.65
N TYR B 243 -7.82 4.11 6.61
CA TYR B 243 -7.46 3.39 5.39
C TYR B 243 -6.20 3.92 4.63
N THR B 244 -5.50 4.87 5.25
CA THR B 244 -4.19 5.34 4.74
C THR B 244 -3.05 4.30 4.86
N HIS B 245 -3.25 3.21 5.59
CA HIS B 245 -2.24 2.16 5.74
C HIS B 245 -2.22 1.20 4.54
N LEU B 246 -3.23 1.28 3.68
CA LEU B 246 -3.32 0.37 2.55
C LEU B 246 -2.37 0.80 1.44
N PRO B 247 -1.95 -0.15 0.57
CA PRO B 247 -1.14 0.18 -0.63
C PRO B 247 -1.81 1.25 -1.47
N THR B 248 -1.03 2.21 -1.94
CA THR B 248 -1.50 3.21 -2.90
C THR B 248 -2.18 2.52 -4.09
N THR B 249 -1.67 1.35 -4.46
CA THR B 249 -2.16 0.67 -5.66
C THR B 249 -3.60 0.13 -5.48
N VAL B 250 -3.99 -0.09 -4.22
CA VAL B 250 -5.33 -0.53 -3.79
C VAL B 250 -6.20 0.70 -3.53
N MET B 251 -5.78 1.57 -2.62
CA MET B 251 -6.49 2.84 -2.40
C MET B 251 -5.63 4.08 -2.58
N ASP B 252 -5.98 4.92 -3.54
CA ASP B 252 -5.21 6.15 -3.80
C ASP B 252 -6.02 7.33 -3.28
N HIS B 253 -5.72 7.76 -2.06
CA HIS B 253 -6.50 8.80 -1.39
C HIS B 253 -6.36 10.17 -2.07
N SER B 254 -5.38 10.34 -2.95
CA SER B 254 -5.23 11.58 -3.75
C SER B 254 -6.37 11.75 -4.77
N LYS B 255 -7.07 10.66 -5.07
CA LYS B 255 -8.22 10.68 -5.97
C LYS B 255 -9.52 10.96 -5.19
N SER B 256 -9.59 10.46 -3.96
CA SER B 256 -10.64 10.81 -2.99
C SER B 256 -10.27 10.17 -1.65
N PRO B 257 -10.43 10.87 -0.51
CA PRO B 257 -10.05 10.25 0.77
C PRO B 257 -11.11 9.23 1.17
N PHE B 258 -10.69 8.13 1.80
CA PHE B 258 -11.65 7.17 2.30
C PHE B 258 -12.64 7.84 3.25
N MET B 259 -12.10 8.57 4.25
CA MET B 259 -12.90 9.33 5.17
C MET B 259 -13.23 10.65 4.46
N ARG B 260 -14.31 10.65 3.67
CA ARG B 260 -14.59 11.72 2.69
C ARG B 260 -15.30 12.92 3.32
N LYS B 261 -16.56 12.73 3.70
CA LYS B 261 -17.37 13.81 4.28
C LYS B 261 -18.09 13.37 5.54
N GLY B 262 -18.61 12.15 5.54
CA GLY B 262 -19.27 11.59 6.71
C GLY B 262 -20.53 12.34 7.11
N THR B 263 -21.26 12.83 6.11
CA THR B 263 -22.45 13.67 6.30
C THR B 263 -23.67 12.98 5.72
N ALA B 264 -24.81 13.15 6.38
CA ALA B 264 -26.09 12.88 5.77
C ALA B 264 -26.51 14.09 4.91
N GLY B 265 -26.90 13.83 3.67
CA GLY B 265 -27.32 14.91 2.75
C GLY B 265 -26.26 15.49 1.81
N ASP B 266 -25.04 14.98 1.88
CA ASP B 266 -23.95 15.40 0.96
C ASP B 266 -24.34 15.18 -0.52
N TRP B 267 -25.27 14.24 -0.74
CA TRP B 267 -25.70 13.89 -2.10
C TRP B 267 -26.26 15.10 -2.87
N LYS B 268 -26.83 16.06 -2.17
CA LYS B 268 -27.41 17.26 -2.77
C LYS B 268 -26.38 18.11 -3.56
N ASN B 269 -25.11 18.00 -3.18
CA ASN B 269 -24.02 18.66 -3.91
C ASN B 269 -23.69 18.03 -5.24
N TYR B 270 -24.27 16.85 -5.53
CA TYR B 270 -23.95 16.11 -6.74
C TYR B 270 -25.12 15.80 -7.65
N PHE B 271 -26.28 15.51 -7.06
CA PHE B 271 -27.43 15.13 -7.84
C PHE B 271 -27.92 16.40 -8.53
N THR B 272 -28.18 16.33 -9.84
CA THR B 272 -28.97 17.39 -10.47
C THR B 272 -30.44 17.17 -10.11
N VAL B 273 -31.26 18.21 -10.28
CA VAL B 273 -32.71 18.08 -10.09
C VAL B 273 -33.30 17.00 -11.00
N ALA B 274 -32.83 16.95 -12.24
CA ALA B 274 -33.23 15.92 -13.21
C ALA B 274 -32.90 14.54 -12.67
N GLN B 275 -31.67 14.38 -12.18
CA GLN B 275 -31.19 13.08 -11.67
C GLN B 275 -32.00 12.71 -10.46
N ASN B 276 -32.24 13.69 -9.59
CA ASN B 276 -33.08 13.52 -8.40
C ASN B 276 -34.49 13.03 -8.74
N GLU B 277 -35.15 13.70 -9.69
CA GLU B 277 -36.48 13.27 -10.16
C GLU B 277 -36.52 11.83 -10.65
N LYS B 278 -35.55 11.48 -11.47
CA LYS B 278 -35.44 10.15 -12.05
C LYS B 278 -35.18 9.14 -10.92
N PHE B 279 -34.22 9.46 -10.03
CA PHE B 279 -33.93 8.61 -8.87
C PHE B 279 -35.19 8.29 -8.05
N ASP B 280 -35.93 9.34 -7.66
CA ASP B 280 -37.12 9.26 -6.81
C ASP B 280 -38.23 8.39 -7.42
N ALA B 281 -38.37 8.43 -8.74
CA ALA B 281 -39.32 7.60 -9.47
C ALA B 281 -38.97 6.10 -9.37
N ILE B 282 -37.71 5.78 -9.64
CA ILE B 282 -37.21 4.42 -9.52
C ILE B 282 -37.29 3.94 -8.07
N TYR B 283 -36.89 4.82 -7.14
CA TYR B 283 -36.96 4.53 -5.72
C TYR B 283 -38.38 4.06 -5.33
N GLU B 284 -39.41 4.81 -5.74
CA GLU B 284 -40.81 4.49 -5.36
C GLU B 284 -41.32 3.17 -5.92
N THR B 285 -40.88 2.82 -7.13
CA THR B 285 -41.16 1.53 -7.79
C THR B 285 -40.55 0.36 -7.00
N GLU B 286 -39.37 0.60 -6.42
CA GLU B 286 -38.64 -0.43 -5.66
C GLU B 286 -39.05 -0.51 -4.20
N MET B 287 -39.47 0.61 -3.61
CA MET B 287 -39.54 0.72 -2.16
C MET B 287 -40.95 0.97 -1.60
N SER B 288 -41.95 1.01 -2.47
CA SER B 288 -43.33 1.37 -2.06
C SER B 288 -43.93 0.44 -1.01
N LYS B 289 -43.60 -0.86 -1.12
CA LYS B 289 -44.24 -1.89 -0.32
C LYS B 289 -43.53 -2.17 1.01
N THR B 290 -42.21 -2.00 1.02
CA THR B 290 -41.40 -2.28 2.19
C THR B 290 -41.72 -1.33 3.35
N ALA B 291 -41.50 -1.77 4.58
CA ALA B 291 -41.67 -0.94 5.77
C ALA B 291 -40.38 -0.15 6.10
N LEU B 292 -39.33 -0.35 5.32
CA LEU B 292 -38.07 0.42 5.49
C LEU B 292 -38.36 1.88 5.27
N GLN B 293 -37.77 2.74 6.09
CA GLN B 293 -37.97 4.18 5.98
C GLN B 293 -36.64 4.95 6.11
N PHE B 294 -36.14 5.47 4.99
CA PHE B 294 -34.88 6.19 5.00
C PHE B 294 -35.05 7.71 5.07
N ARG B 295 -34.10 8.38 5.72
CA ARG B 295 -34.04 9.84 5.62
C ARG B 295 -32.83 10.20 4.77
N THR B 296 -32.97 11.23 3.95
CA THR B 296 -31.90 11.66 3.06
C THR B 296 -31.22 12.94 3.59
N GLU B 297 -31.71 13.39 4.75
CA GLU B 297 -31.14 14.49 5.55
C GLU B 297 -31.64 14.40 6.98
N ILE B 298 -30.90 15.01 7.92
CA ILE B 298 -31.30 15.05 9.33
C ILE B 298 -31.47 16.50 9.80
#